data_3KV4
#
_entry.id   3KV4
#
_cell.length_a   73.500
_cell.length_b   73.500
_cell.length_c   210.800
_cell.angle_alpha   90.00
_cell.angle_beta   90.00
_cell.angle_gamma   90.00
#
_symmetry.space_group_name_H-M   'P 43 21 2'
#
loop_
_entity.id
_entity.type
_entity.pdbx_description
1 polymer 'PHD finger protein 8'
2 polymer 'Histone H3-like'
3 non-polymer 'ZINC ION'
4 non-polymer 'FE (II) ION'
5 non-polymer 'NICKEL (II) ION'
6 non-polymer 1,2-ETHANEDIOL
7 non-polymer N-OXALYLGLYCINE
8 water water
#
loop_
_entity_poly.entity_id
_entity_poly.type
_entity_poly.pdbx_seq_one_letter_code
_entity_poly.pdbx_strand_id
1 'polypeptide(L)'
;MASVPVYCLCRLPYDVTRFMIECDMCQDWFHGSCVGVEEEKAADIDLYHCPNCEVLHGPSIMKKRRGSSKGHDTHKGKPV
KTGSPTFVRELRSRTFDSSDEVILKPTGNQLTVEFLEENSFSVPILVLKKDGLGMTLPSPSFTVRDVEHYVGSDKEIDVI
DVTRQADCKMKLGDFVKYYYSGKREKVLNVISLEFSDTRLSNLVETPKIVRKLSWVENLWPEECVFERPNVQKYCLMSVR
DSYTDFHIDFGGTSVWYHVLKGEKIFYLIRPTNANLTLFECWSSSSNQNEMFFGDQVDKCYKCSVKQGQTLFIPTGWIHA
VLTPVDCLAFGGNFLHSLNIEMQLKAYEIEKRLSTADLFRFPNFETICWYVGKHILDIFRGLRENRRHPASYLVHGGKAL
NLAFRAWTRKEALPDHEDEIPETVRTVQLIKDLAREIRLVEDIFQQN
;
A
2 'polypeptide(L)' ART(M3L)QTAR(MLY)STGGKAPRKQLATKA B
#
# COMPACT_ATOMS: atom_id res chain seq x y z
N SER A 3 7.57 -3.81 -23.77
CA SER A 3 8.88 -3.49 -23.14
C SER A 3 8.92 -3.98 -21.70
N VAL A 4 9.31 -5.24 -21.50
CA VAL A 4 9.37 -5.83 -20.17
C VAL A 4 10.81 -6.08 -19.73
N PRO A 5 11.16 -5.58 -18.53
CA PRO A 5 12.53 -5.76 -18.00
C PRO A 5 12.80 -7.19 -17.53
N VAL A 6 14.06 -7.62 -17.64
CA VAL A 6 14.48 -8.94 -17.20
C VAL A 6 15.64 -8.80 -16.22
N TYR A 7 15.89 -9.84 -15.42
CA TYR A 7 16.96 -9.78 -14.43
C TYR A 7 17.77 -11.09 -14.30
N CYS A 8 18.70 -11.10 -13.37
CA CYS A 8 19.48 -12.29 -13.05
C CYS A 8 20.29 -12.87 -14.22
N LEU A 9 20.99 -13.96 -13.94
CA LEU A 9 21.78 -14.66 -14.94
C LEU A 9 20.85 -15.31 -15.94
N CYS A 10 19.64 -15.63 -15.51
CA CYS A 10 18.68 -16.28 -16.37
C CYS A 10 17.95 -15.36 -17.34
N ARG A 11 18.05 -14.05 -17.11
CA ARG A 11 17.42 -13.07 -18.00
C ARG A 11 15.91 -13.27 -18.10
N LEU A 12 15.25 -13.43 -16.96
CA LEU A 12 13.80 -13.63 -16.96
C LEU A 12 13.06 -12.44 -16.39
N PRO A 13 11.80 -12.24 -16.80
CA PRO A 13 11.05 -11.11 -16.25
C PRO A 13 10.77 -11.40 -14.77
N TYR A 14 10.44 -10.37 -14.00
CA TYR A 14 10.19 -10.54 -12.57
C TYR A 14 9.11 -11.57 -12.26
N ASP A 15 9.35 -12.33 -11.20
CA ASP A 15 8.45 -13.39 -10.71
C ASP A 15 8.39 -13.19 -9.20
N VAL A 16 7.27 -12.64 -8.71
CA VAL A 16 7.10 -12.35 -7.30
C VAL A 16 7.14 -13.57 -6.37
N THR A 17 7.14 -14.76 -6.95
CA THR A 17 7.18 -15.97 -6.13
C THR A 17 8.60 -16.45 -5.85
N ARG A 18 9.59 -15.75 -6.38
CA ARG A 18 10.98 -16.16 -6.15
C ARG A 18 11.81 -15.12 -5.42
N PHE A 19 12.59 -15.60 -4.46
CA PHE A 19 13.49 -14.79 -3.63
C PHE A 19 14.58 -14.13 -4.49
N MET A 20 14.75 -12.82 -4.35
CA MET A 20 15.76 -12.10 -5.11
C MET A 20 16.60 -11.14 -4.30
N ILE A 21 17.89 -11.06 -4.63
CA ILE A 21 18.82 -10.17 -3.96
C ILE A 21 19.53 -9.29 -5.00
N GLU A 22 19.94 -8.10 -4.58
CA GLU A 22 20.61 -7.18 -5.49
C GLU A 22 22.12 -7.20 -5.36
N CYS A 23 22.81 -7.05 -6.49
CA CYS A 23 24.26 -7.00 -6.51
C CYS A 23 24.61 -5.52 -6.45
N ASP A 24 25.41 -5.13 -5.47
CA ASP A 24 25.79 -3.73 -5.34
C ASP A 24 26.56 -3.24 -6.54
N MET A 25 27.49 -4.08 -7.03
CA MET A 25 28.31 -3.75 -8.19
C MET A 25 27.42 -3.51 -9.41
N CYS A 26 26.65 -4.54 -9.77
CA CYS A 26 25.75 -4.51 -10.92
C CYS A 26 24.55 -3.61 -10.78
N GLN A 27 23.86 -3.79 -9.66
CA GLN A 27 22.63 -3.09 -9.35
C GLN A 27 21.53 -3.87 -10.07
N ASP A 28 21.86 -5.11 -10.42
CA ASP A 28 20.90 -6.00 -11.07
C ASP A 28 20.42 -6.94 -9.97
N TRP A 29 19.30 -7.61 -10.20
CA TRP A 29 18.76 -8.51 -9.19
C TRP A 29 18.95 -9.95 -9.59
N PHE A 30 19.21 -10.79 -8.60
CA PHE A 30 19.43 -12.21 -8.83
C PHE A 30 18.59 -13.13 -7.97
N HIS A 31 18.05 -14.16 -8.60
CA HIS A 31 17.26 -15.17 -7.90
C HIS A 31 18.22 -15.90 -6.98
N GLY A 32 17.80 -16.12 -5.74
CA GLY A 32 18.66 -16.82 -4.80
C GLY A 32 19.06 -18.21 -5.33
N SER A 33 18.11 -18.94 -5.89
CA SER A 33 18.42 -20.27 -6.41
C SER A 33 19.33 -20.27 -7.62
N CYS A 34 19.35 -19.17 -8.38
CA CYS A 34 20.20 -19.09 -9.56
C CYS A 34 21.67 -18.82 -9.18
N VAL A 35 21.89 -18.21 -8.02
CA VAL A 35 23.25 -17.91 -7.59
C VAL A 35 23.69 -18.70 -6.34
N GLY A 36 22.87 -19.67 -5.94
CA GLY A 36 23.23 -20.50 -4.79
C GLY A 36 23.12 -19.87 -3.41
N VAL A 37 22.29 -18.84 -3.28
CA VAL A 37 22.12 -18.20 -1.99
C VAL A 37 20.75 -18.55 -1.43
N GLU A 38 20.74 -19.37 -0.38
CA GLU A 38 19.47 -19.74 0.24
C GLU A 38 18.98 -18.59 1.11
N GLU A 39 17.65 -18.45 1.22
CA GLU A 39 17.03 -17.38 2.00
C GLU A 39 17.58 -17.28 3.42
N GLU A 40 17.71 -18.43 4.07
CA GLU A 40 18.19 -18.49 5.44
C GLU A 40 19.60 -17.94 5.67
N LYS A 41 20.44 -17.97 4.64
CA LYS A 41 21.80 -17.47 4.76
C LYS A 41 21.99 -16.08 4.15
N ALA A 42 21.00 -15.61 3.41
CA ALA A 42 21.08 -14.29 2.79
C ALA A 42 21.37 -13.21 3.81
N ALA A 43 20.78 -13.36 5.00
CA ALA A 43 20.95 -12.39 6.07
C ALA A 43 22.41 -12.10 6.40
N ASP A 44 23.26 -13.14 6.39
CA ASP A 44 24.67 -12.97 6.70
C ASP A 44 25.42 -12.11 5.68
N ILE A 45 24.77 -11.80 4.58
CA ILE A 45 25.40 -10.99 3.55
C ILE A 45 25.03 -9.52 3.67
N ASP A 46 26.03 -8.64 3.69
CA ASP A 46 25.77 -7.20 3.78
C ASP A 46 25.75 -6.61 2.38
N LEU A 47 26.80 -6.88 1.62
CA LEU A 47 26.89 -6.39 0.27
C LEU A 47 27.12 -7.61 -0.61
N TYR A 48 26.11 -7.94 -1.42
CA TYR A 48 26.19 -9.11 -2.29
C TYR A 48 26.88 -8.83 -3.61
N HIS A 49 27.75 -9.75 -4.00
CA HIS A 49 28.47 -9.69 -5.27
C HIS A 49 28.04 -10.90 -6.09
N CYS A 50 27.54 -10.65 -7.29
CA CYS A 50 27.10 -11.74 -8.17
C CYS A 50 28.33 -12.44 -8.76
N PRO A 51 28.18 -13.72 -9.17
CA PRO A 51 29.26 -14.50 -9.76
C PRO A 51 30.19 -13.74 -10.69
N ASN A 52 29.62 -12.94 -11.57
CA ASN A 52 30.44 -12.17 -12.51
C ASN A 52 31.21 -11.05 -11.83
N CYS A 53 30.49 -10.17 -11.14
CA CYS A 53 31.13 -9.06 -10.45
C CYS A 53 32.19 -9.56 -9.48
N GLU A 54 32.00 -10.77 -8.96
CA GLU A 54 32.95 -11.33 -8.00
C GLU A 54 34.35 -11.50 -8.58
N VAL A 55 34.46 -12.15 -9.73
CA VAL A 55 35.76 -12.38 -10.36
C VAL A 55 36.41 -11.06 -10.78
N LEU A 56 35.60 -10.09 -11.21
CA LEU A 56 36.13 -8.81 -11.66
C LEU A 56 36.41 -7.82 -10.53
N HIS A 57 35.69 -7.94 -9.41
CA HIS A 57 35.90 -7.02 -8.30
C HIS A 57 35.82 -7.63 -6.90
N GLY A 58 36.27 -8.86 -6.73
CA GLY A 58 36.25 -9.47 -5.41
C GLY A 58 34.91 -10.04 -4.97
N PRO A 59 34.91 -10.95 -3.98
CA PRO A 59 33.74 -11.62 -3.41
C PRO A 59 32.75 -10.71 -2.68
N SER A 60 31.66 -11.29 -2.20
CA SER A 60 30.64 -10.56 -1.46
C SER A 60 31.19 -10.13 -0.11
N ILE A 61 30.54 -9.14 0.50
CA ILE A 61 30.94 -8.63 1.80
C ILE A 61 30.05 -9.23 2.87
N MET A 62 30.63 -10.05 3.74
CA MET A 62 29.88 -10.69 4.81
C MET A 62 29.75 -9.73 5.99
N LYS A 63 28.74 -9.95 6.82
CA LYS A 63 28.49 -9.08 7.97
C LYS A 63 29.15 -9.59 9.25
N LYS A 64 29.00 -8.80 10.32
CA LYS A 64 29.57 -9.10 11.64
C LYS A 64 30.99 -8.58 11.74
N LYS A 78 21.34 -14.68 19.44
CA LYS A 78 21.25 -14.71 17.99
C LYS A 78 20.00 -13.94 17.53
N PRO A 79 20.02 -13.41 16.28
CA PRO A 79 18.91 -12.64 15.69
C PRO A 79 17.60 -13.37 15.39
N VAL A 80 16.49 -12.73 15.72
CA VAL A 80 15.16 -13.27 15.47
C VAL A 80 14.76 -12.92 14.03
N LYS A 81 14.09 -13.85 13.36
CA LYS A 81 13.68 -13.64 11.97
C LYS A 81 12.21 -13.21 11.89
N THR A 82 11.98 -12.04 11.29
CA THR A 82 10.64 -11.49 11.16
C THR A 82 9.66 -12.49 10.56
N GLY A 83 8.55 -12.72 11.25
CA GLY A 83 7.56 -13.66 10.77
C GLY A 83 7.69 -15.03 11.41
N SER A 84 8.83 -15.29 12.05
CA SER A 84 9.06 -16.57 12.70
C SER A 84 8.12 -16.72 13.90
N PRO A 85 7.84 -17.96 14.30
CA PRO A 85 6.94 -18.16 15.44
C PRO A 85 7.50 -17.47 16.68
N THR A 86 8.82 -17.36 16.76
CA THR A 86 9.47 -16.70 17.89
C THR A 86 9.22 -15.20 17.80
N PHE A 87 9.26 -14.68 16.58
CA PHE A 87 9.04 -13.26 16.36
C PHE A 87 7.62 -12.88 16.81
N VAL A 88 6.65 -13.69 16.41
CA VAL A 88 5.27 -13.42 16.79
C VAL A 88 5.08 -13.45 18.31
N ARG A 89 5.65 -14.43 18.99
N ARG A 89 5.67 -14.43 18.98
CA ARG A 89 5.52 -14.49 20.45
CA ARG A 89 5.56 -14.54 20.44
C ARG A 89 6.10 -13.24 21.10
C ARG A 89 6.11 -13.27 21.09
N GLU A 90 7.29 -12.84 20.65
CA GLU A 90 7.94 -11.64 21.20
C GLU A 90 7.11 -10.39 20.92
N LEU A 91 6.50 -10.33 19.74
CA LEU A 91 5.68 -9.18 19.35
C LEU A 91 4.47 -9.05 20.26
N ARG A 92 3.85 -10.19 20.56
CA ARG A 92 2.67 -10.22 21.42
C ARG A 92 2.98 -9.65 22.81
N SER A 93 4.23 -9.78 23.24
CA SER A 93 4.63 -9.31 24.57
C SER A 93 5.29 -7.93 24.57
N ARG A 94 5.44 -7.32 23.40
CA ARG A 94 6.05 -6.00 23.31
C ARG A 94 5.11 -4.92 23.82
N THR A 95 5.69 -3.87 24.38
CA THR A 95 4.91 -2.75 24.88
C THR A 95 4.93 -1.66 23.79
N PHE A 96 3.75 -1.22 23.40
CA PHE A 96 3.65 -0.19 22.38
C PHE A 96 2.97 1.04 22.95
N ASP A 97 2.88 2.10 22.15
CA ASP A 97 2.20 3.30 22.61
C ASP A 97 0.71 3.07 22.39
N SER A 98 -0.11 3.61 23.30
CA SER A 98 -1.56 3.45 23.19
C SER A 98 -2.12 4.29 22.04
N SER A 99 -2.72 3.63 21.06
CA SER A 99 -3.28 4.34 19.91
C SER A 99 -4.46 5.25 20.31
N ASP A 100 -4.98 5.02 21.51
CA ASP A 100 -6.11 5.82 21.99
C ASP A 100 -5.75 7.30 22.11
N GLU A 101 -4.48 7.59 22.31
CA GLU A 101 -4.08 8.98 22.45
C GLU A 101 -4.01 9.74 21.12
N VAL A 102 -4.18 9.06 19.99
CA VAL A 102 -4.13 9.72 18.69
C VAL A 102 -5.27 9.41 17.70
N ILE A 103 -5.75 8.18 17.68
CA ILE A 103 -6.80 7.82 16.75
C ILE A 103 -8.16 8.43 17.08
N LEU A 104 -8.86 8.86 16.04
CA LEU A 104 -10.17 9.47 16.21
C LEU A 104 -11.23 8.36 16.11
N LYS A 105 -12.31 8.51 16.89
CA LYS A 105 -13.36 7.50 16.92
C LYS A 105 -14.74 8.01 16.54
N PRO A 106 -14.86 8.65 15.38
CA PRO A 106 -16.19 9.13 15.03
C PRO A 106 -17.17 7.98 14.87
N THR A 107 -18.44 8.33 14.90
CA THR A 107 -19.49 7.35 14.72
C THR A 107 -19.64 7.30 13.19
N GLY A 108 -20.33 6.29 12.67
CA GLY A 108 -20.51 6.20 11.24
C GLY A 108 -21.13 7.45 10.63
N ASN A 109 -22.08 8.06 11.32
CA ASN A 109 -22.73 9.26 10.81
C ASN A 109 -21.88 10.52 10.94
N GLN A 110 -20.91 10.51 11.85
CA GLN A 110 -20.04 11.68 12.05
C GLN A 110 -18.87 11.68 11.07
N LEU A 111 -18.56 10.50 10.52
CA LEU A 111 -17.46 10.38 9.56
C LEU A 111 -17.89 10.94 8.21
N THR A 112 -17.74 12.24 8.05
CA THR A 112 -18.13 12.92 6.81
C THR A 112 -16.90 13.53 6.17
N VAL A 113 -17.05 13.98 4.93
CA VAL A 113 -15.95 14.60 4.22
C VAL A 113 -15.49 15.81 5.02
N GLU A 114 -16.45 16.58 5.52
CA GLU A 114 -16.15 17.78 6.29
C GLU A 114 -15.32 17.45 7.54
N PHE A 115 -15.62 16.31 8.17
CA PHE A 115 -14.89 15.90 9.35
C PHE A 115 -13.44 15.60 8.96
N LEU A 116 -13.25 14.90 7.85
CA LEU A 116 -11.90 14.59 7.40
C LEU A 116 -11.08 15.83 7.06
N GLU A 117 -11.73 16.81 6.44
CA GLU A 117 -11.06 18.04 6.05
C GLU A 117 -10.51 18.86 7.21
N GLU A 118 -11.15 18.77 8.37
CA GLU A 118 -10.71 19.52 9.55
C GLU A 118 -9.22 19.36 9.85
N ASN A 119 -8.69 18.15 9.69
CA ASN A 119 -7.28 17.89 9.94
C ASN A 119 -6.59 17.21 8.76
N SER A 120 -7.20 17.30 7.59
CA SER A 120 -6.64 16.67 6.39
C SER A 120 -6.50 15.16 6.56
N PHE A 121 -7.47 14.53 7.22
CA PHE A 121 -7.41 13.08 7.44
C PHE A 121 -5.96 12.70 7.73
N SER A 122 -5.40 13.27 8.80
CA SER A 122 -4.02 13.00 9.14
C SER A 122 -3.74 11.92 10.18
N VAL A 123 -4.78 11.34 10.78
CA VAL A 123 -4.56 10.28 11.77
C VAL A 123 -5.57 9.16 11.58
N PRO A 124 -5.20 7.93 11.96
CA PRO A 124 -6.10 6.79 11.81
C PRO A 124 -7.45 7.06 12.45
N ILE A 125 -8.47 6.45 11.86
CA ILE A 125 -9.83 6.60 12.35
C ILE A 125 -10.41 5.21 12.53
N LEU A 126 -10.97 4.95 13.71
CA LEU A 126 -11.57 3.67 14.04
C LEU A 126 -13.05 3.84 14.34
N VAL A 127 -13.90 3.16 13.58
CA VAL A 127 -15.35 3.26 13.79
C VAL A 127 -15.82 1.95 14.40
N LEU A 128 -16.33 2.02 15.64
CA LEU A 128 -16.78 0.85 16.38
C LEU A 128 -17.93 0.03 15.80
N LYS A 129 -18.90 0.70 15.19
CA LYS A 129 -20.05 0.02 14.62
C LYS A 129 -20.27 0.52 13.21
N LYS A 130 -20.59 -0.38 12.28
CA LYS A 130 -20.78 0.00 10.88
C LYS A 130 -21.93 0.97 10.63
N ASP A 131 -22.83 1.10 11.60
CA ASP A 131 -23.98 1.99 11.44
C ASP A 131 -23.54 3.36 10.93
N GLY A 132 -24.15 3.80 9.83
CA GLY A 132 -23.82 5.11 9.29
C GLY A 132 -22.67 5.12 8.30
N LEU A 133 -21.93 4.02 8.19
CA LEU A 133 -20.80 3.97 7.26
C LEU A 133 -21.21 3.73 5.81
N GLY A 134 -22.50 3.47 5.57
CA GLY A 134 -22.98 3.23 4.21
C GLY A 134 -22.26 2.07 3.57
N MET A 135 -21.94 1.08 4.39
CA MET A 135 -21.22 -0.09 3.95
C MET A 135 -22.15 -1.29 3.77
N THR A 136 -22.03 -1.96 2.62
CA THR A 136 -22.83 -3.14 2.33
C THR A 136 -21.92 -4.36 2.39
N LEU A 137 -22.24 -5.28 3.29
CA LEU A 137 -21.46 -6.49 3.46
C LEU A 137 -22.34 -7.66 3.86
N PRO A 138 -21.87 -8.89 3.65
CA PRO A 138 -22.68 -10.04 4.03
C PRO A 138 -22.66 -10.11 5.55
N SER A 139 -23.48 -10.98 6.14
CA SER A 139 -23.55 -11.11 7.59
C SER A 139 -22.30 -11.75 8.18
N PRO A 140 -22.08 -11.58 9.50
CA PRO A 140 -20.95 -12.14 10.23
C PRO A 140 -20.88 -13.66 10.17
N SER A 141 -21.87 -14.26 9.51
CA SER A 141 -21.92 -15.71 9.39
C SER A 141 -21.33 -16.16 8.05
N PHE A 142 -20.79 -15.20 7.30
CA PHE A 142 -20.17 -15.50 6.01
C PHE A 142 -18.89 -16.24 6.37
N THR A 143 -18.56 -17.27 5.61
CA THR A 143 -17.35 -18.06 5.86
C THR A 143 -16.39 -18.00 4.69
N VAL A 144 -15.17 -18.47 4.88
CA VAL A 144 -14.21 -18.45 3.77
C VAL A 144 -14.74 -19.37 2.69
N ARG A 145 -15.47 -20.40 3.13
CA ARG A 145 -16.07 -21.36 2.21
C ARG A 145 -17.08 -20.69 1.29
N ASP A 146 -17.74 -19.65 1.83
CA ASP A 146 -18.70 -18.90 1.03
C ASP A 146 -17.94 -18.02 0.02
N VAL A 147 -16.72 -17.63 0.39
CA VAL A 147 -15.91 -16.81 -0.49
C VAL A 147 -15.53 -17.67 -1.69
N GLU A 148 -15.18 -18.92 -1.42
CA GLU A 148 -14.81 -19.85 -2.46
C GLU A 148 -15.94 -19.98 -3.47
N HIS A 149 -17.14 -20.24 -2.97
CA HIS A 149 -18.34 -20.38 -3.80
C HIS A 149 -18.57 -19.15 -4.68
N TYR A 150 -18.31 -17.97 -4.13
CA TYR A 150 -18.52 -16.74 -4.87
C TYR A 150 -17.36 -16.31 -5.74
N VAL A 151 -16.14 -16.64 -5.33
CA VAL A 151 -14.96 -16.25 -6.09
C VAL A 151 -14.53 -17.29 -7.12
N GLY A 152 -14.43 -18.55 -6.69
CA GLY A 152 -14.03 -19.61 -7.59
C GLY A 152 -12.92 -20.45 -7.00
N SER A 153 -13.16 -21.75 -6.89
CA SER A 153 -12.18 -22.68 -6.32
C SER A 153 -10.91 -22.77 -7.18
N ASP A 154 -11.07 -22.60 -8.49
CA ASP A 154 -9.94 -22.70 -9.40
C ASP A 154 -9.18 -21.41 -9.65
N LYS A 155 -9.61 -20.33 -9.01
CA LYS A 155 -8.92 -19.06 -9.20
C LYS A 155 -7.57 -19.07 -8.48
N GLU A 156 -6.56 -18.52 -9.13
CA GLU A 156 -5.23 -18.46 -8.54
C GLU A 156 -5.14 -17.19 -7.73
N ILE A 157 -4.54 -17.27 -6.56
CA ILE A 157 -4.41 -16.10 -5.70
C ILE A 157 -3.02 -16.05 -5.09
N ASP A 158 -2.62 -14.86 -4.66
CA ASP A 158 -1.32 -14.71 -4.02
C ASP A 158 -1.54 -15.02 -2.54
N VAL A 159 -0.69 -15.89 -2.01
CA VAL A 159 -0.80 -16.28 -0.61
C VAL A 159 0.56 -16.02 0.03
N ILE A 160 0.55 -15.47 1.24
CA ILE A 160 1.80 -15.19 1.91
C ILE A 160 2.19 -16.26 2.91
N ASP A 161 3.38 -16.82 2.74
CA ASP A 161 3.88 -17.81 3.68
C ASP A 161 4.53 -16.89 4.72
N VAL A 162 3.84 -16.72 5.84
CA VAL A 162 4.30 -15.82 6.90
C VAL A 162 5.66 -16.18 7.49
N THR A 163 5.90 -17.47 7.71
CA THR A 163 7.17 -17.90 8.29
C THR A 163 8.34 -17.52 7.38
N ARG A 164 8.10 -17.55 6.08
CA ARG A 164 9.14 -17.19 5.12
C ARG A 164 9.05 -15.75 4.66
N GLN A 165 7.95 -15.07 5.00
CA GLN A 165 7.74 -13.68 4.58
C GLN A 165 7.98 -13.64 3.07
N ALA A 166 7.29 -14.53 2.36
CA ALA A 166 7.42 -14.61 0.92
C ALA A 166 6.04 -14.88 0.34
N ASP A 167 5.85 -14.46 -0.90
CA ASP A 167 4.58 -14.67 -1.56
C ASP A 167 4.58 -15.99 -2.32
N CYS A 168 3.42 -16.64 -2.34
CA CYS A 168 3.24 -17.91 -3.03
C CYS A 168 1.95 -17.81 -3.82
N LYS A 169 1.77 -18.70 -4.78
CA LYS A 169 0.55 -18.70 -5.57
C LYS A 169 -0.09 -20.07 -5.53
N MET A 170 -1.40 -20.10 -5.32
CA MET A 170 -2.15 -21.35 -5.28
C MET A 170 -3.60 -21.11 -5.64
N LYS A 171 -4.36 -22.19 -5.79
CA LYS A 171 -5.77 -22.07 -6.12
C LYS A 171 -6.54 -21.74 -4.84
N LEU A 172 -7.50 -20.82 -4.95
CA LEU A 172 -8.31 -20.44 -3.80
C LEU A 172 -8.79 -21.73 -3.14
N GLY A 173 -9.28 -22.66 -3.96
CA GLY A 173 -9.76 -23.93 -3.46
C GLY A 173 -8.72 -24.65 -2.61
N ASP A 174 -7.45 -24.59 -3.03
CA ASP A 174 -6.38 -25.23 -2.27
C ASP A 174 -6.21 -24.54 -0.93
N PHE A 175 -6.24 -23.21 -0.94
CA PHE A 175 -6.09 -22.45 0.30
C PHE A 175 -7.20 -22.79 1.28
N VAL A 176 -8.42 -22.87 0.78
CA VAL A 176 -9.57 -23.19 1.63
C VAL A 176 -9.35 -24.55 2.30
N LYS A 177 -8.88 -25.53 1.54
CA LYS A 177 -8.62 -26.86 2.07
C LYS A 177 -7.63 -26.75 3.23
N TYR A 178 -6.62 -25.93 3.05
CA TYR A 178 -5.61 -25.69 4.08
C TYR A 178 -6.24 -25.02 5.30
N TYR A 179 -7.12 -24.06 5.04
CA TYR A 179 -7.78 -23.31 6.10
C TYR A 179 -8.57 -24.19 7.05
N TYR A 180 -9.63 -24.80 6.55
CA TYR A 180 -10.48 -25.68 7.36
C TYR A 180 -9.76 -26.96 7.73
N SER A 181 -8.55 -27.14 7.21
CA SER A 181 -7.76 -28.34 7.49
C SER A 181 -7.59 -28.53 9.00
N GLY A 182 -7.58 -29.79 9.43
CA GLY A 182 -7.42 -30.09 10.84
C GLY A 182 -5.98 -29.95 11.28
N LYS A 183 -5.13 -29.46 10.37
CA LYS A 183 -3.72 -29.27 10.66
C LYS A 183 -3.12 -28.17 9.79
N ARG A 184 -2.25 -27.36 10.38
CA ARG A 184 -1.60 -26.27 9.68
C ARG A 184 -0.12 -26.24 10.01
N GLU A 185 0.69 -26.91 9.20
CA GLU A 185 2.13 -26.92 9.44
C GLU A 185 2.72 -25.61 8.94
N LYS A 186 1.94 -24.86 8.18
CA LYS A 186 2.37 -23.58 7.66
C LYS A 186 1.41 -22.46 8.03
N VAL A 187 1.96 -21.27 8.18
CA VAL A 187 1.18 -20.09 8.52
C VAL A 187 0.99 -19.33 7.21
N LEU A 188 -0.20 -19.45 6.63
CA LEU A 188 -0.50 -18.79 5.37
C LEU A 188 -1.48 -17.64 5.55
N ASN A 189 -1.31 -16.60 4.75
CA ASN A 189 -2.17 -15.44 4.84
C ASN A 189 -2.54 -14.84 3.49
N VAL A 190 -3.83 -14.72 3.23
CA VAL A 190 -4.31 -14.15 1.98
C VAL A 190 -4.74 -12.71 2.24
N ILE A 191 -4.06 -11.76 1.59
CA ILE A 191 -4.38 -10.35 1.75
C ILE A 191 -4.48 -9.63 0.42
N SER A 192 -4.26 -10.35 -0.68
CA SER A 192 -4.27 -9.74 -2.01
C SER A 192 -5.43 -10.12 -2.92
N LEU A 193 -6.44 -10.82 -2.40
CA LEU A 193 -7.56 -11.20 -3.24
C LEU A 193 -8.55 -10.08 -3.52
N GLU A 194 -8.37 -9.41 -4.65
CA GLU A 194 -9.28 -8.34 -5.06
C GLU A 194 -10.38 -9.03 -5.86
N PHE A 195 -11.62 -8.97 -5.35
CA PHE A 195 -12.75 -9.65 -5.99
C PHE A 195 -13.71 -8.77 -6.76
N SER A 196 -13.26 -7.59 -7.12
CA SER A 196 -14.09 -6.63 -7.86
C SER A 196 -14.73 -7.18 -9.14
N ASP A 197 -14.11 -8.18 -9.77
CA ASP A 197 -14.67 -8.75 -11.00
C ASP A 197 -15.30 -10.12 -10.81
N THR A 198 -15.63 -10.44 -9.57
CA THR A 198 -16.26 -11.72 -9.25
C THR A 198 -17.66 -11.42 -8.71
N ARG A 199 -18.45 -12.45 -8.49
CA ARG A 199 -19.80 -12.25 -7.97
C ARG A 199 -19.82 -11.78 -6.52
N LEU A 200 -18.72 -12.03 -5.80
CA LEU A 200 -18.64 -11.60 -4.41
C LEU A 200 -18.74 -10.07 -4.39
N SER A 201 -18.40 -9.45 -5.50
CA SER A 201 -18.46 -8.00 -5.62
C SER A 201 -19.89 -7.47 -5.49
N ASN A 202 -20.87 -8.28 -5.86
CA ASN A 202 -22.28 -7.86 -5.75
C ASN A 202 -22.74 -7.80 -4.30
N LEU A 203 -22.05 -8.51 -3.42
CA LEU A 203 -22.43 -8.55 -1.99
C LEU A 203 -21.66 -7.56 -1.14
N VAL A 204 -20.90 -6.68 -1.78
CA VAL A 204 -20.10 -5.71 -1.03
C VAL A 204 -20.08 -4.32 -1.65
N GLU A 205 -20.26 -3.33 -0.79
CA GLU A 205 -20.20 -1.93 -1.20
C GLU A 205 -19.24 -1.31 -0.19
N THR A 206 -18.24 -0.58 -0.69
CA THR A 206 -17.27 0.04 0.20
C THR A 206 -17.91 1.21 0.96
N PRO A 207 -17.32 1.59 2.11
CA PRO A 207 -17.84 2.69 2.92
C PRO A 207 -18.12 3.91 2.06
N LYS A 208 -19.20 4.61 2.37
CA LYS A 208 -19.58 5.80 1.62
C LYS A 208 -18.44 6.83 1.55
N ILE A 209 -17.78 7.06 2.69
CA ILE A 209 -16.70 8.03 2.74
C ILE A 209 -15.60 7.70 1.74
N VAL A 210 -15.36 6.40 1.53
CA VAL A 210 -14.35 5.95 0.57
C VAL A 210 -14.74 6.31 -0.86
N ARG A 211 -15.99 6.00 -1.21
CA ARG A 211 -16.49 6.28 -2.55
C ARG A 211 -16.57 7.78 -2.85
N LYS A 212 -16.77 8.57 -1.80
CA LYS A 212 -16.85 10.02 -1.97
C LYS A 212 -15.47 10.65 -2.17
N LEU A 213 -14.45 10.09 -1.53
CA LEU A 213 -13.08 10.62 -1.66
C LEU A 213 -12.27 10.02 -2.79
N SER A 214 -12.54 8.75 -3.11
CA SER A 214 -11.82 8.01 -4.14
C SER A 214 -11.63 8.70 -5.50
N TRP A 215 -10.38 8.85 -5.90
CA TRP A 215 -10.06 9.46 -7.18
C TRP A 215 -10.59 8.63 -8.36
N VAL A 216 -10.32 7.33 -8.32
CA VAL A 216 -10.76 6.44 -9.39
C VAL A 216 -12.28 6.37 -9.47
N GLU A 217 -12.91 6.26 -8.31
CA GLU A 217 -14.36 6.17 -8.23
C GLU A 217 -15.04 7.37 -8.89
N ASN A 218 -14.49 8.56 -8.67
CA ASN A 218 -15.09 9.77 -9.20
C ASN A 218 -14.48 10.40 -10.46
N LEU A 219 -13.20 10.19 -10.70
CA LEU A 219 -12.56 10.83 -11.85
C LEU A 219 -12.06 9.94 -12.96
N TRP A 220 -12.23 8.64 -12.85
CA TRP A 220 -11.77 7.76 -13.92
C TRP A 220 -12.89 7.55 -14.94
N PRO A 221 -12.72 8.10 -16.15
CA PRO A 221 -13.69 8.02 -17.24
C PRO A 221 -13.85 6.63 -17.86
N GLU A 222 -14.95 6.45 -18.60
CA GLU A 222 -15.23 5.17 -19.26
C GLU A 222 -14.28 4.97 -20.45
N GLU A 223 -13.62 3.81 -20.47
CA GLU A 223 -12.67 3.47 -21.53
C GLU A 223 -11.34 4.22 -21.38
N CYS A 224 -11.30 5.44 -21.90
CA CYS A 224 -10.11 6.29 -21.84
C CYS A 224 -8.81 5.62 -22.31
N VAL A 225 -8.91 4.43 -22.88
CA VAL A 225 -7.75 3.70 -23.39
C VAL A 225 -6.91 3.02 -22.31
N PHE A 226 -7.22 3.26 -21.05
CA PHE A 226 -6.50 2.65 -19.94
C PHE A 226 -7.45 1.80 -19.10
N GLU A 227 -6.99 0.65 -18.63
CA GLU A 227 -7.81 -0.21 -17.80
C GLU A 227 -8.05 0.48 -16.44
N ARG A 228 -9.28 0.44 -15.97
CA ARG A 228 -9.63 1.05 -14.69
C ARG A 228 -8.96 0.33 -13.53
N PRO A 229 -8.25 1.07 -12.67
CA PRO A 229 -7.58 0.43 -11.53
C PRO A 229 -8.63 -0.10 -10.56
N ASN A 230 -8.55 -1.38 -10.21
CA ASN A 230 -9.50 -1.97 -9.27
C ASN A 230 -8.75 -2.42 -8.03
N VAL A 231 -8.77 -1.58 -7.00
CA VAL A 231 -8.08 -1.90 -5.75
C VAL A 231 -8.91 -1.55 -4.53
N GLN A 232 -10.22 -1.41 -4.71
CA GLN A 232 -11.10 -1.03 -3.62
C GLN A 232 -11.74 -2.18 -2.85
N LYS A 233 -11.80 -3.37 -3.45
CA LYS A 233 -12.42 -4.52 -2.79
C LYS A 233 -11.52 -5.74 -2.64
N TYR A 234 -10.96 -5.91 -1.45
CA TYR A 234 -10.09 -7.04 -1.16
C TYR A 234 -10.72 -7.88 -0.08
N CYS A 235 -10.44 -9.18 -0.12
CA CYS A 235 -10.95 -10.09 0.88
C CYS A 235 -9.73 -10.62 1.61
N LEU A 236 -9.69 -10.42 2.93
CA LEU A 236 -8.59 -10.86 3.75
C LEU A 236 -8.97 -12.12 4.53
N MET A 237 -8.16 -13.16 4.38
CA MET A 237 -8.39 -14.42 5.08
C MET A 237 -7.05 -14.75 5.70
N SER A 238 -6.98 -14.59 7.02
CA SER A 238 -5.75 -14.80 7.75
C SER A 238 -5.93 -15.75 8.89
N VAL A 239 -4.99 -16.69 9.03
CA VAL A 239 -5.03 -17.65 10.11
C VAL A 239 -4.29 -17.06 11.29
N ARG A 240 -4.58 -17.59 12.48
CA ARG A 240 -3.94 -17.13 13.71
C ARG A 240 -2.43 -16.99 13.52
N ASP A 241 -1.87 -15.94 14.11
CA ASP A 241 -0.45 -15.63 14.06
C ASP A 241 0.14 -15.17 12.72
N SER A 242 -0.72 -14.84 11.76
CA SER A 242 -0.25 -14.33 10.48
C SER A 242 0.37 -12.98 10.81
N TYR A 243 1.38 -12.57 10.05
CA TYR A 243 2.01 -11.30 10.30
C TYR A 243 2.50 -10.62 9.02
N THR A 244 2.09 -9.38 8.83
CA THR A 244 2.50 -8.59 7.70
C THR A 244 3.40 -7.47 8.22
N ASP A 245 4.63 -7.43 7.73
CA ASP A 245 5.62 -6.44 8.15
C ASP A 245 5.28 -5.00 7.76
N PHE A 246 5.99 -4.06 8.38
CA PHE A 246 5.79 -2.63 8.14
C PHE A 246 5.88 -2.23 6.66
N HIS A 247 4.91 -1.43 6.22
CA HIS A 247 4.89 -0.97 4.84
C HIS A 247 3.99 0.25 4.69
N ILE A 248 4.04 0.84 3.50
CA ILE A 248 3.18 1.95 3.14
C ILE A 248 2.41 1.38 1.97
N ASP A 249 1.08 1.38 2.04
CA ASP A 249 0.30 0.82 0.94
C ASP A 249 0.62 1.49 -0.39
N PHE A 250 0.57 0.70 -1.47
CA PHE A 250 0.90 1.18 -2.81
C PHE A 250 0.29 2.52 -3.20
N GLY A 251 1.09 3.34 -3.87
CA GLY A 251 0.64 4.65 -4.30
C GLY A 251 0.35 5.58 -3.14
N GLY A 252 0.68 5.13 -1.93
CA GLY A 252 0.41 5.95 -0.76
C GLY A 252 -1.08 6.03 -0.51
N THR A 253 -1.82 5.01 -0.97
CA THR A 253 -3.26 4.97 -0.79
C THR A 253 -3.66 4.89 0.68
N SER A 254 -4.89 5.32 0.96
CA SER A 254 -5.45 5.25 2.30
C SER A 254 -6.15 3.90 2.34
N VAL A 255 -6.40 3.38 3.54
CA VAL A 255 -7.02 2.07 3.64
C VAL A 255 -8.23 1.95 4.54
N TRP A 256 -9.27 1.30 4.03
CA TRP A 256 -10.46 1.04 4.84
C TRP A 256 -10.36 -0.45 5.16
N TYR A 257 -10.50 -0.80 6.43
CA TYR A 257 -10.34 -2.18 6.86
C TYR A 257 -11.46 -2.64 7.79
N HIS A 258 -12.32 -3.54 7.31
CA HIS A 258 -13.42 -4.05 8.14
C HIS A 258 -13.24 -5.51 8.56
N VAL A 259 -13.16 -5.75 9.87
CA VAL A 259 -13.02 -7.11 10.38
C VAL A 259 -14.42 -7.71 10.49
N LEU A 260 -14.72 -8.70 9.65
CA LEU A 260 -16.04 -9.33 9.69
C LEU A 260 -16.12 -10.40 10.78
N LYS A 261 -15.03 -11.14 10.95
CA LYS A 261 -14.97 -12.18 11.97
C LYS A 261 -13.54 -12.26 12.49
N GLY A 262 -13.39 -12.31 13.81
CA GLY A 262 -12.07 -12.39 14.39
C GLY A 262 -11.51 -11.07 14.86
N GLU A 263 -10.20 -10.88 14.68
CA GLU A 263 -9.52 -9.67 15.13
C GLU A 263 -8.19 -9.42 14.41
N LYS A 264 -7.85 -8.14 14.25
CA LYS A 264 -6.60 -7.74 13.62
C LYS A 264 -5.91 -6.68 14.48
N ILE A 265 -4.59 -6.75 14.56
CA ILE A 265 -3.84 -5.75 15.33
C ILE A 265 -2.92 -4.98 14.39
N PHE A 266 -3.02 -3.65 14.43
CA PHE A 266 -2.20 -2.80 13.59
C PHE A 266 -1.16 -2.04 14.43
N TYR A 267 0.01 -1.83 13.86
CA TYR A 267 1.09 -1.11 14.51
C TYR A 267 1.30 0.06 13.55
N LEU A 268 0.85 1.24 14.00
CA LEU A 268 0.87 2.46 13.21
C LEU A 268 1.96 3.46 13.57
N ILE A 269 2.66 3.92 12.52
CA ILE A 269 3.74 4.88 12.67
C ILE A 269 3.42 6.08 11.79
N ARG A 270 3.47 7.27 12.36
CA ARG A 270 3.17 8.51 11.65
C ARG A 270 4.24 8.79 10.61
N PRO A 271 3.81 9.18 9.40
CA PRO A 271 4.73 9.48 8.30
C PRO A 271 5.45 10.84 8.40
N THR A 272 6.20 11.06 9.48
CA THR A 272 6.95 12.31 9.62
C THR A 272 8.14 12.17 8.68
N ASN A 273 8.83 13.26 8.39
CA ASN A 273 9.97 13.19 7.49
C ASN A 273 11.03 12.23 8.06
N ALA A 274 11.21 12.25 9.37
CA ALA A 274 12.19 11.38 10.01
C ALA A 274 11.84 9.91 9.85
N ASN A 275 10.58 9.56 10.12
CA ASN A 275 10.13 8.19 10.00
C ASN A 275 10.12 7.70 8.56
N LEU A 276 9.83 8.60 7.63
CA LEU A 276 9.85 8.23 6.21
C LEU A 276 11.29 7.94 5.79
N THR A 277 12.23 8.72 6.29
CA THR A 277 13.64 8.49 5.96
C THR A 277 14.06 7.18 6.61
N LEU A 278 13.68 6.99 7.87
CA LEU A 278 14.02 5.77 8.58
C LEU A 278 13.43 4.56 7.86
N PHE A 279 12.20 4.71 7.38
CA PHE A 279 11.53 3.63 6.69
C PHE A 279 12.26 3.26 5.40
N GLU A 280 12.62 4.25 4.60
CA GLU A 280 13.33 3.99 3.35
C GLU A 280 14.67 3.32 3.59
N CYS A 281 15.38 3.74 4.64
CA CYS A 281 16.67 3.13 4.95
C CYS A 281 16.47 1.67 5.37
N TRP A 282 15.42 1.44 6.16
CA TRP A 282 15.09 0.10 6.61
C TRP A 282 14.67 -0.81 5.46
N SER A 283 13.95 -0.24 4.50
CA SER A 283 13.48 -1.02 3.35
C SER A 283 14.59 -1.39 2.37
N SER A 284 15.74 -0.72 2.48
CA SER A 284 16.86 -0.99 1.61
C SER A 284 18.07 -1.54 2.38
N SER A 285 17.83 -1.99 3.61
CA SER A 285 18.91 -2.53 4.43
C SER A 285 19.11 -4.01 4.16
N SER A 286 20.26 -4.54 4.60
CA SER A 286 20.57 -5.95 4.42
C SER A 286 20.06 -6.72 5.63
N ASN A 287 19.66 -5.97 6.65
CA ASN A 287 19.16 -6.52 7.92
C ASN A 287 17.64 -6.55 8.01
N GLN A 288 16.97 -5.80 7.13
CA GLN A 288 15.52 -5.69 7.14
C GLN A 288 14.71 -6.79 7.81
N ASN A 289 14.99 -8.05 7.49
CA ASN A 289 14.24 -9.16 8.09
C ASN A 289 14.66 -9.55 9.50
N GLU A 290 15.70 -8.90 10.02
CA GLU A 290 16.18 -9.21 11.36
C GLU A 290 15.92 -8.10 12.36
N MET A 291 15.23 -7.05 11.95
CA MET A 291 14.93 -5.97 12.88
C MET A 291 13.50 -5.45 12.80
N PHE A 292 12.95 -5.19 13.98
CA PHE A 292 11.60 -4.68 14.09
C PHE A 292 11.65 -3.19 13.84
N PHE A 293 11.01 -2.74 12.75
CA PHE A 293 11.06 -1.31 12.43
C PHE A 293 10.44 -0.45 13.53
N GLY A 294 9.50 -1.04 14.27
CA GLY A 294 8.82 -0.32 15.34
C GLY A 294 9.77 0.23 16.40
N ASP A 295 10.91 -0.44 16.59
CA ASP A 295 11.88 -0.02 17.59
C ASP A 295 12.69 1.20 17.20
N GLN A 296 12.60 1.59 15.94
CA GLN A 296 13.37 2.73 15.45
C GLN A 296 12.68 4.08 15.49
N VAL A 297 11.38 4.08 15.75
CA VAL A 297 10.65 5.34 15.76
C VAL A 297 10.33 5.77 17.18
N ASP A 298 9.94 7.02 17.35
CA ASP A 298 9.61 7.50 18.68
C ASP A 298 8.26 6.96 19.13
N LYS A 299 7.30 6.91 18.21
CA LYS A 299 5.97 6.43 18.53
C LYS A 299 5.45 5.39 17.56
N CYS A 300 5.13 4.21 18.08
CA CYS A 300 4.57 3.13 17.28
C CYS A 300 3.31 2.77 18.03
N TYR A 301 2.15 3.11 17.46
CA TYR A 301 0.86 2.89 18.08
C TYR A 301 0.21 1.53 17.79
N LYS A 302 -0.21 0.84 18.86
CA LYS A 302 -0.85 -0.46 18.72
C LYS A 302 -2.36 -0.28 18.67
N CYS A 303 -2.98 -0.71 17.60
CA CYS A 303 -4.40 -0.56 17.47
C CYS A 303 -5.12 -1.88 17.17
N SER A 304 -6.03 -2.25 18.06
CA SER A 304 -6.79 -3.47 17.90
C SER A 304 -8.09 -3.19 17.16
N VAL A 305 -8.38 -4.00 16.15
CA VAL A 305 -9.61 -3.84 15.39
C VAL A 305 -10.36 -5.15 15.51
N LYS A 306 -11.48 -5.10 16.23
CA LYS A 306 -12.28 -6.29 16.45
C LYS A 306 -13.48 -6.40 15.53
N GLN A 307 -14.15 -7.55 15.60
CA GLN A 307 -15.32 -7.85 14.79
C GLN A 307 -16.34 -6.72 14.71
N GLY A 308 -16.74 -6.37 13.48
CA GLY A 308 -17.71 -5.32 13.29
C GLY A 308 -17.14 -3.91 13.28
N GLN A 309 -15.86 -3.78 13.60
CA GLN A 309 -15.21 -2.48 13.62
C GLN A 309 -14.50 -2.18 12.29
N THR A 310 -14.40 -0.91 11.96
CA THR A 310 -13.76 -0.52 10.72
C THR A 310 -12.65 0.50 10.95
N LEU A 311 -11.45 0.18 10.50
CA LEU A 311 -10.31 1.06 10.65
C LEU A 311 -10.01 1.77 9.33
N PHE A 312 -9.69 3.05 9.41
CA PHE A 312 -9.34 3.83 8.24
C PHE A 312 -7.91 4.35 8.45
N ILE A 313 -7.00 3.93 7.57
CA ILE A 313 -5.60 4.31 7.64
C ILE A 313 -5.28 5.42 6.63
N PRO A 314 -4.77 6.55 7.12
CA PRO A 314 -4.42 7.72 6.29
C PRO A 314 -3.21 7.51 5.39
N THR A 315 -3.07 8.42 4.43
CA THR A 315 -1.98 8.45 3.47
C THR A 315 -0.60 8.40 4.11
N GLY A 316 0.26 7.55 3.60
CA GLY A 316 1.61 7.46 4.11
C GLY A 316 1.87 6.76 5.44
N TRP A 317 0.83 6.46 6.22
CA TRP A 317 1.07 5.82 7.50
C TRP A 317 1.70 4.44 7.38
N ILE A 318 2.86 4.30 8.01
CA ILE A 318 3.61 3.05 8.03
C ILE A 318 2.97 2.10 9.03
N HIS A 319 2.70 0.88 8.61
CA HIS A 319 2.07 -0.07 9.51
C HIS A 319 2.37 -1.53 9.25
N ALA A 320 2.31 -2.31 10.33
CA ALA A 320 2.50 -3.75 10.28
C ALA A 320 1.18 -4.32 10.80
N VAL A 321 0.92 -5.61 10.56
CA VAL A 321 -0.33 -6.21 11.02
C VAL A 321 -0.20 -7.64 11.54
N LEU A 322 -0.70 -7.84 12.75
CA LEU A 322 -0.69 -9.15 13.39
C LEU A 322 -2.12 -9.67 13.46
N THR A 323 -2.31 -10.95 13.15
CA THR A 323 -3.62 -11.56 13.21
C THR A 323 -3.56 -12.49 14.43
N PRO A 324 -4.13 -12.05 15.57
CA PRO A 324 -4.12 -12.86 16.80
C PRO A 324 -5.02 -14.10 16.77
N VAL A 325 -6.00 -14.12 15.88
CA VAL A 325 -6.91 -15.27 15.76
C VAL A 325 -7.36 -15.38 14.30
N ASP A 326 -7.86 -16.55 13.90
CA ASP A 326 -8.32 -16.70 12.53
C ASP A 326 -9.20 -15.49 12.26
N CYS A 327 -9.06 -14.91 11.07
CA CYS A 327 -9.81 -13.71 10.74
C CYS A 327 -10.21 -13.62 9.28
N LEU A 328 -11.42 -13.11 9.07
CA LEU A 328 -11.95 -12.88 7.74
C LEU A 328 -12.26 -11.38 7.75
N ALA A 329 -11.78 -10.67 6.75
CA ALA A 329 -12.01 -9.24 6.71
C ALA A 329 -12.08 -8.74 5.28
N PHE A 330 -12.63 -7.55 5.14
CA PHE A 330 -12.74 -6.90 3.84
C PHE A 330 -12.09 -5.53 3.94
N GLY A 331 -11.49 -5.08 2.85
CA GLY A 331 -10.83 -3.81 2.85
C GLY A 331 -10.42 -3.40 1.45
N GLY A 332 -9.92 -2.18 1.32
CA GLY A 332 -9.52 -1.69 0.02
C GLY A 332 -8.61 -0.49 0.14
N ASN A 333 -8.16 0.01 -1.00
CA ASN A 333 -7.26 1.14 -1.03
C ASN A 333 -7.88 2.21 -1.89
N PHE A 334 -7.55 3.46 -1.58
CA PHE A 334 -8.06 4.58 -2.35
C PHE A 334 -7.17 5.80 -2.22
N LEU A 335 -7.09 6.55 -3.32
CA LEU A 335 -6.32 7.79 -3.37
C LEU A 335 -7.34 8.91 -3.20
N HIS A 336 -6.90 10.04 -2.65
CA HIS A 336 -7.80 11.17 -2.46
C HIS A 336 -7.02 12.46 -2.42
N SER A 337 -7.72 13.58 -2.32
CA SER A 337 -7.07 14.87 -2.35
C SER A 337 -6.69 15.54 -1.04
N LEU A 338 -6.89 14.86 0.09
CA LEU A 338 -6.55 15.47 1.37
C LEU A 338 -5.06 15.57 1.69
N ASN A 339 -4.24 14.71 1.11
N ASN A 339 -4.27 14.68 1.12
CA ASN A 339 -2.81 14.80 1.34
CA ASN A 339 -2.82 14.67 1.34
C ASN A 339 -2.05 14.33 0.11
C ASN A 339 -2.09 14.26 0.07
N ILE A 340 -2.30 15.00 -1.00
CA ILE A 340 -1.67 14.68 -2.28
C ILE A 340 -0.16 14.64 -2.23
N GLU A 341 0.46 15.52 -1.46
CA GLU A 341 1.91 15.50 -1.40
C GLU A 341 2.43 14.19 -0.81
N MET A 342 1.77 13.67 0.22
CA MET A 342 2.18 12.42 0.84
C MET A 342 2.03 11.26 -0.14
N GLN A 343 0.97 11.27 -0.95
CA GLN A 343 0.80 10.19 -1.92
C GLN A 343 1.99 10.22 -2.89
N LEU A 344 2.35 11.42 -3.36
CA LEU A 344 3.48 11.59 -4.26
C LEU A 344 4.80 11.15 -3.60
N LYS A 345 4.93 11.42 -2.30
CA LYS A 345 6.13 11.02 -1.59
C LYS A 345 6.23 9.50 -1.58
N ALA A 346 5.12 8.83 -1.30
CA ALA A 346 5.11 7.36 -1.25
C ALA A 346 5.52 6.83 -2.62
N TYR A 347 5.02 7.47 -3.66
CA TYR A 347 5.30 7.11 -5.05
C TYR A 347 6.80 7.16 -5.35
N GLU A 348 7.46 8.21 -4.88
CA GLU A 348 8.89 8.39 -5.10
C GLU A 348 9.71 7.34 -4.34
N ILE A 349 9.24 7.00 -3.14
CA ILE A 349 9.91 6.00 -2.34
C ILE A 349 9.86 4.64 -3.05
N GLU A 350 8.72 4.32 -3.66
CA GLU A 350 8.57 3.06 -4.38
C GLU A 350 9.57 3.00 -5.53
N LYS A 351 9.70 4.09 -6.27
CA LYS A 351 10.63 4.16 -7.39
C LYS A 351 12.06 3.95 -6.91
N ARG A 352 12.46 4.68 -5.88
CA ARG A 352 13.81 4.54 -5.37
C ARG A 352 14.09 3.13 -4.84
N LEU A 353 13.05 2.42 -4.43
CA LEU A 353 13.23 1.06 -3.93
C LEU A 353 13.09 0.00 -5.02
N SER A 354 12.97 0.43 -6.27
CA SER A 354 12.83 -0.50 -7.41
C SER A 354 11.63 -1.43 -7.22
N THR A 355 10.50 -0.88 -6.79
CA THR A 355 9.31 -1.68 -6.55
C THR A 355 8.67 -2.21 -7.83
N ALA A 356 8.46 -3.52 -7.90
CA ALA A 356 7.82 -4.13 -9.07
C ALA A 356 6.42 -3.53 -9.21
N ASP A 357 5.91 -3.50 -10.43
CA ASP A 357 4.59 -2.93 -10.67
C ASP A 357 3.43 -3.52 -9.89
N LEU A 358 3.46 -4.82 -9.61
CA LEU A 358 2.36 -5.44 -8.86
C LEU A 358 2.24 -4.93 -7.43
N PHE A 359 3.19 -4.10 -7.01
CA PHE A 359 3.17 -3.51 -5.68
C PHE A 359 3.07 -1.99 -5.76
N ARG A 360 2.61 -1.50 -6.91
CA ARG A 360 2.46 -0.07 -7.10
C ARG A 360 1.01 0.17 -7.54
N PHE A 361 0.50 1.38 -7.32
CA PHE A 361 -0.86 1.68 -7.72
C PHE A 361 -0.86 1.68 -9.25
N PRO A 362 -1.76 0.90 -9.88
CA PRO A 362 -1.79 0.87 -11.36
C PRO A 362 -2.24 2.16 -12.02
N ASN A 363 -1.42 2.66 -12.93
CA ASN A 363 -1.73 3.90 -13.64
C ASN A 363 -1.87 5.07 -12.67
N PHE A 364 -0.95 5.13 -11.71
CA PHE A 364 -0.92 6.19 -10.70
C PHE A 364 -0.83 7.57 -11.35
N GLU A 365 0.09 7.72 -12.29
CA GLU A 365 0.26 9.01 -12.97
C GLU A 365 -0.95 9.43 -13.81
N THR A 366 -1.60 8.47 -14.46
CA THR A 366 -2.78 8.75 -15.28
C THR A 366 -3.91 9.34 -14.44
N ILE A 367 -4.20 8.71 -13.30
CA ILE A 367 -5.26 9.21 -12.44
C ILE A 367 -4.87 10.58 -11.89
N CYS A 368 -3.58 10.81 -11.68
CA CYS A 368 -3.14 12.11 -11.18
C CYS A 368 -3.46 13.19 -12.21
N TRP A 369 -3.25 12.91 -13.49
CA TRP A 369 -3.56 13.90 -14.53
C TRP A 369 -5.05 14.26 -14.54
N TYR A 370 -5.91 13.25 -14.38
CA TYR A 370 -7.35 13.48 -14.36
C TYR A 370 -7.70 14.33 -13.14
N VAL A 371 -7.07 14.03 -12.01
CA VAL A 371 -7.30 14.77 -10.79
C VAL A 371 -6.89 16.21 -10.98
N GLY A 372 -5.74 16.42 -11.61
CA GLY A 372 -5.26 17.77 -11.86
C GLY A 372 -6.29 18.58 -12.62
N LYS A 373 -6.83 17.99 -13.68
CA LYS A 373 -7.84 18.66 -14.50
C LYS A 373 -9.03 18.99 -13.63
N HIS A 374 -9.46 18.01 -12.83
CA HIS A 374 -10.59 18.20 -11.95
C HIS A 374 -10.35 19.30 -10.93
N ILE A 375 -9.18 19.28 -10.28
CA ILE A 375 -8.84 20.29 -9.29
C ILE A 375 -8.86 21.67 -9.94
N LEU A 376 -8.50 21.73 -11.22
CA LEU A 376 -8.50 23.00 -11.94
C LEU A 376 -9.91 23.53 -12.00
N ASP A 377 -10.83 22.69 -12.44
CA ASP A 377 -12.24 23.08 -12.54
C ASP A 377 -12.77 23.52 -11.17
N ILE A 378 -12.38 22.81 -10.12
CA ILE A 378 -12.85 23.16 -8.79
C ILE A 378 -12.39 24.57 -8.41
N PHE A 379 -11.09 24.83 -8.58
CA PHE A 379 -10.53 26.15 -8.29
C PHE A 379 -11.29 27.23 -9.06
N ARG A 380 -11.44 27.02 -10.37
CA ARG A 380 -12.14 27.97 -11.21
C ARG A 380 -13.60 28.08 -10.77
N GLY A 381 -14.21 26.93 -10.47
CA GLY A 381 -15.59 26.91 -10.03
C GLY A 381 -15.77 27.67 -8.73
N LEU A 382 -14.83 27.51 -7.80
CA LEU A 382 -14.92 28.21 -6.52
C LEU A 382 -14.71 29.70 -6.69
N ARG A 383 -13.79 30.07 -7.58
CA ARG A 383 -13.50 31.48 -7.81
C ARG A 383 -14.68 32.17 -8.49
N GLU A 384 -15.34 31.46 -9.40
CA GLU A 384 -16.49 32.00 -10.11
C GLU A 384 -17.67 32.21 -9.16
N ASN A 385 -17.75 31.38 -8.12
CA ASN A 385 -18.83 31.48 -7.15
C ASN A 385 -18.39 32.23 -5.90
N ARG A 386 -17.48 33.19 -6.08
CA ARG A 386 -16.96 33.99 -4.99
C ARG A 386 -16.65 33.16 -3.73
N ARG A 387 -15.84 32.13 -3.90
CA ARG A 387 -15.45 31.26 -2.80
C ARG A 387 -14.01 30.80 -3.00
N HIS A 388 -13.40 30.29 -1.93
CA HIS A 388 -12.01 29.82 -2.01
C HIS A 388 -11.91 28.37 -1.54
N PRO A 389 -10.87 27.65 -2.01
CA PRO A 389 -10.66 26.24 -1.64
C PRO A 389 -10.02 26.11 -0.27
N ALA A 390 -10.16 24.94 0.35
CA ALA A 390 -9.56 24.71 1.65
C ALA A 390 -8.05 24.70 1.44
N SER A 391 -7.32 25.03 2.49
CA SER A 391 -5.87 25.09 2.40
C SER A 391 -5.19 23.80 1.94
N TYR A 392 -5.68 22.64 2.40
CA TYR A 392 -5.07 21.38 2.01
C TYR A 392 -5.11 21.18 0.49
N LEU A 393 -6.17 21.67 -0.14
CA LEU A 393 -6.34 21.52 -1.59
C LEU A 393 -5.28 22.34 -2.32
N VAL A 394 -4.99 23.52 -1.80
CA VAL A 394 -3.99 24.41 -2.38
C VAL A 394 -2.62 23.74 -2.28
N HIS A 395 -2.29 23.22 -1.11
CA HIS A 395 -1.01 22.55 -0.89
C HIS A 395 -0.90 21.34 -1.82
N GLY A 396 -1.99 20.58 -1.91
CA GLY A 396 -1.99 19.40 -2.77
C GLY A 396 -1.97 19.76 -4.25
N GLY A 397 -2.72 20.79 -4.62
CA GLY A 397 -2.74 21.22 -6.00
C GLY A 397 -1.33 21.62 -6.41
N LYS A 398 -0.64 22.32 -5.52
CA LYS A 398 0.71 22.78 -5.78
C LYS A 398 1.73 21.65 -5.91
N ALA A 399 1.70 20.68 -4.98
CA ALA A 399 2.62 19.55 -5.04
C ALA A 399 2.35 18.74 -6.30
N LEU A 400 1.07 18.65 -6.67
CA LEU A 400 0.70 17.91 -7.86
C LEU A 400 1.19 18.62 -9.13
N ASN A 401 1.03 19.93 -9.18
CA ASN A 401 1.47 20.69 -10.34
C ASN A 401 2.99 20.57 -10.47
N LEU A 402 3.69 20.46 -9.34
CA LEU A 402 5.13 20.30 -9.39
C LEU A 402 5.48 18.96 -10.03
N ALA A 403 4.71 17.93 -9.72
CA ALA A 403 4.94 16.61 -10.29
C ALA A 403 4.65 16.65 -11.79
N PHE A 404 3.57 17.33 -12.17
CA PHE A 404 3.19 17.47 -13.56
C PHE A 404 4.38 18.04 -14.35
N ARG A 405 4.97 19.11 -13.81
CA ARG A 405 6.12 19.73 -14.45
C ARG A 405 7.30 18.77 -14.56
N ALA A 406 7.56 18.04 -13.49
CA ALA A 406 8.66 17.09 -13.48
C ALA A 406 8.48 15.97 -14.50
N TRP A 407 7.25 15.50 -14.66
CA TRP A 407 6.99 14.43 -15.61
C TRP A 407 7.01 14.88 -17.06
N THR A 408 6.82 16.18 -17.29
CA THR A 408 6.80 16.69 -18.66
C THR A 408 8.05 17.46 -19.08
N ARG A 409 9.12 17.37 -18.31
CA ARG A 409 10.34 18.05 -18.69
C ARG A 409 10.95 17.30 -19.87
N LYS A 410 11.45 18.05 -20.84
CA LYS A 410 12.07 17.52 -22.04
C LYS A 410 12.83 16.20 -21.80
N GLU A 411 13.80 16.23 -20.90
CA GLU A 411 14.62 15.06 -20.59
C GLU A 411 13.90 13.91 -19.89
N ALA A 412 12.80 14.20 -19.21
CA ALA A 412 12.09 13.15 -18.48
C ALA A 412 10.83 12.62 -19.18
N LEU A 413 10.28 13.43 -20.08
CA LEU A 413 9.05 13.06 -20.78
C LEU A 413 8.95 11.64 -21.37
N PRO A 414 10.04 11.10 -21.92
CA PRO A 414 9.96 9.75 -22.48
C PRO A 414 9.48 8.66 -21.51
N ASP A 415 9.86 8.78 -20.24
CA ASP A 415 9.46 7.79 -19.25
C ASP A 415 8.07 8.07 -18.66
N HIS A 416 7.41 9.13 -19.10
CA HIS A 416 6.11 9.49 -18.56
C HIS A 416 4.97 9.74 -19.56
N GLU A 417 5.33 10.14 -20.77
CA GLU A 417 4.32 10.44 -21.80
C GLU A 417 3.25 9.37 -21.95
N ASP A 418 3.63 8.11 -21.87
CA ASP A 418 2.69 7.01 -22.03
C ASP A 418 1.49 7.04 -21.08
N GLU A 419 1.66 7.55 -19.87
CA GLU A 419 0.55 7.59 -18.93
C GLU A 419 -0.32 8.85 -19.03
N ILE A 420 0.09 9.81 -19.84
CA ILE A 420 -0.66 11.05 -19.99
C ILE A 420 -1.93 10.80 -20.81
N PRO A 421 -3.10 11.16 -20.26
CA PRO A 421 -4.35 10.95 -21.02
C PRO A 421 -4.31 11.80 -22.28
N GLU A 422 -4.96 11.31 -23.34
CA GLU A 422 -5.00 12.02 -24.61
C GLU A 422 -5.83 13.29 -24.52
N THR A 423 -6.82 13.30 -23.62
CA THR A 423 -7.69 14.45 -23.46
C THR A 423 -7.11 15.51 -22.54
N VAL A 424 -5.81 15.44 -22.28
CA VAL A 424 -5.18 16.42 -21.41
C VAL A 424 -4.08 17.24 -22.07
N ARG A 425 -4.18 18.55 -21.97
CA ARG A 425 -3.18 19.46 -22.51
C ARG A 425 -2.30 19.79 -21.31
N THR A 426 -1.18 19.10 -21.19
CA THR A 426 -0.28 19.29 -20.07
C THR A 426 0.18 20.73 -19.83
N VAL A 427 0.60 21.42 -20.88
CA VAL A 427 1.06 22.79 -20.73
C VAL A 427 -0.04 23.71 -20.23
N GLN A 428 -1.21 23.65 -20.85
CA GLN A 428 -2.31 24.49 -20.42
C GLN A 428 -2.75 24.14 -19.01
N LEU A 429 -2.83 22.84 -18.71
CA LEU A 429 -3.24 22.40 -17.38
C LEU A 429 -2.27 22.95 -16.34
N ILE A 430 -0.97 22.73 -16.56
CA ILE A 430 0.03 23.22 -15.64
C ILE A 430 -0.02 24.73 -15.46
N LYS A 431 -0.09 25.47 -16.56
CA LYS A 431 -0.14 26.93 -16.48
C LYS A 431 -1.39 27.42 -15.76
N ASP A 432 -2.56 26.90 -16.13
CA ASP A 432 -3.81 27.30 -15.51
C ASP A 432 -3.86 26.98 -14.03
N LEU A 433 -3.29 25.83 -13.65
CA LEU A 433 -3.28 25.42 -12.26
C LEU A 433 -2.37 26.35 -11.47
N ALA A 434 -1.21 26.66 -12.03
CA ALA A 434 -0.25 27.55 -11.37
C ALA A 434 -0.90 28.92 -11.15
N ARG A 435 -1.70 29.35 -12.12
CA ARG A 435 -2.38 30.65 -12.00
C ARG A 435 -3.37 30.58 -10.83
N GLU A 436 -4.29 29.63 -10.88
CA GLU A 436 -5.29 29.48 -9.82
C GLU A 436 -4.67 29.38 -8.43
N ILE A 437 -3.68 28.49 -8.27
CA ILE A 437 -3.03 28.32 -6.97
C ILE A 437 -2.47 29.65 -6.47
N ARG A 438 -1.72 30.32 -7.33
CA ARG A 438 -1.10 31.60 -7.01
C ARG A 438 -2.12 32.65 -6.57
N LEU A 439 -3.31 32.62 -7.19
CA LEU A 439 -4.35 33.57 -6.83
C LEU A 439 -4.76 33.35 -5.39
N VAL A 440 -5.08 32.10 -5.08
CA VAL A 440 -5.49 31.72 -3.73
C VAL A 440 -4.40 32.07 -2.72
N GLU A 441 -3.15 31.94 -3.11
CA GLU A 441 -2.05 32.26 -2.21
C GLU A 441 -2.00 33.74 -1.90
N ASP A 442 -2.43 34.58 -2.84
CA ASP A 442 -2.45 36.01 -2.63
C ASP A 442 -3.55 36.36 -1.65
N ILE A 443 -4.73 35.78 -1.87
CA ILE A 443 -5.88 36.02 -1.00
C ILE A 443 -5.60 35.52 0.41
N PHE A 444 -4.92 34.39 0.51
CA PHE A 444 -4.59 33.82 1.81
C PHE A 444 -3.59 34.73 2.51
N GLN A 445 -2.88 35.54 1.74
CA GLN A 445 -1.89 36.45 2.31
C GLN A 445 -2.53 37.71 2.88
N GLN A 446 -3.77 38.01 2.49
CA GLN A 446 -4.47 39.19 3.00
C GLN A 446 -4.68 39.03 4.50
N ASN A 447 -4.96 37.80 4.92
CA ASN A 447 -5.18 37.50 6.32
C ASN A 447 -3.94 36.85 6.93
N ALA B 1 20.98 -9.22 3.41
CA ALA B 1 21.32 -8.59 2.10
C ALA B 1 20.12 -7.86 1.51
N ARG B 2 20.39 -6.93 0.58
N ARG B 2 20.38 -6.93 0.58
CA ARG B 2 19.34 -6.17 -0.08
CA ARG B 2 19.32 -6.18 -0.07
C ARG B 2 18.44 -7.15 -0.83
C ARG B 2 18.44 -7.16 -0.82
N THR B 3 17.23 -7.36 -0.32
CA THR B 3 16.29 -8.28 -0.95
C THR B 3 14.92 -7.68 -1.20
N GLN B 5 11.08 -7.38 -1.10
CA GLN B 5 10.02 -7.89 -0.24
C GLN B 5 8.81 -8.28 -1.09
N THR B 6 8.24 -9.44 -0.80
CA THR B 6 7.10 -9.92 -1.58
C THR B 6 5.86 -10.20 -0.74
N ALA B 7 6.02 -10.17 0.58
CA ALA B 7 4.92 -10.39 1.52
C ALA B 7 4.20 -9.06 1.72
N ARG B 8 3.52 -8.60 0.67
CA ARG B 8 2.81 -7.33 0.69
C ARG B 8 1.51 -7.49 -0.11
N SER B 10 -0.67 -7.11 -3.17
N SER B 10 -0.67 -7.10 -3.17
CA SER B 10 -0.49 -6.91 -4.60
CA SER B 10 -0.46 -6.86 -4.60
C SER B 10 -1.69 -6.24 -5.26
C SER B 10 -1.67 -6.19 -5.22
N THR B 11 -1.46 -5.59 -6.39
CA THR B 11 -2.51 -4.91 -7.13
C THR B 11 -2.66 -5.53 -8.51
N GLY B 12 -1.73 -6.43 -8.85
CA GLY B 12 -1.76 -7.04 -10.17
C GLY B 12 -0.85 -6.17 -11.03
N GLY B 13 -0.73 -4.91 -10.60
CA GLY B 13 0.13 -3.93 -11.27
C GLY B 13 -0.06 -3.72 -12.76
N LYS B 14 1.06 -3.80 -13.48
CA LYS B 14 1.10 -3.64 -14.93
C LYS B 14 -0.24 -3.91 -15.62
#